data_3TZ7
#
_entry.id   3TZ7
#
_cell.length_a   42.550
_cell.length_b   64.280
_cell.length_c   75.400
_cell.angle_alpha   79.280
_cell.angle_beta   87.380
_cell.angle_gamma   90.200
#
_symmetry.space_group_name_H-M   'P 1'
#
loop_
_entity.id
_entity.type
_entity.pdbx_description
1 polymer 'Proto-oncogene tyrosine-protein kinase Src'
2 non-polymer N-(4-{[4-({[1-(3-aminophenyl)-3-tert-butyl-1H-pyrazol-5-yl]carbamoyl}amino)phenyl]amino}quinazolin-6-yl)-4-(dimethylamino)butanamide
#
_entity_poly.entity_id   1
_entity_poly.type   'polypeptide(L)'
_entity_poly.pdbx_seq_one_letter_code
;GHMQTQGLAKDAWEIPRESLRLEVKLGQGCFGEVWMGTWNGTTRVAIKTLKPGTMSPEAFLQEAQVMKKLRHEKLVQLYA
VVSEEPIYIVTEYMSKGCLLDFLKGEMGKYLRLPQLVDMAAQIASGMAYVERMNYVHRDLRAANILVGENLVCKVADFGL
ARLIEDNEYTARQGAKFPIKWTAPEAALYGRFTIKSDVWSFGILLTELTTKGRVPYPGMVNREVLDQVERGYRMPCPPEC
PESLHDLMCQCWRKDPEERPTFEYLQAFLEDYFTSTEPQYQPGENL
;
_entity_poly.pdbx_strand_id   A,B
#
loop_
_chem_comp.id
_chem_comp.type
_chem_comp.name
_chem_comp.formula
AQB non-polymer N-(4-{[4-({[1-(3-aminophenyl)-3-tert-butyl-1H-pyrazol-5-yl]carbamoyl}amino)phenyl]amino}quinazolin-6-yl)-4-(dimethylamino)butanamide 'C34 H40 N10 O2'
#
# COMPACT_ATOMS: atom_id res chain seq x y z
N LYS A 10 -8.66 34.28 27.31
CA LYS A 10 -7.34 34.25 26.59
C LYS A 10 -6.44 33.12 27.11
N ASP A 11 -5.75 32.45 26.18
CA ASP A 11 -4.90 31.30 26.51
C ASP A 11 -3.46 31.49 25.98
N ALA A 12 -2.62 30.47 26.08
CA ALA A 12 -1.21 30.60 25.73
C ALA A 12 -0.95 30.70 24.21
N TRP A 13 -2.02 30.59 23.42
CA TRP A 13 -1.93 30.79 21.96
C TRP A 13 -1.92 32.27 21.62
N GLU A 14 -2.69 33.05 22.39
CA GLU A 14 -2.82 34.51 22.23
C GLU A 14 -1.51 35.25 21.98
N ILE A 15 -1.56 36.25 21.09
CA ILE A 15 -0.39 37.11 20.83
C ILE A 15 -0.78 38.60 20.70
N PRO A 16 0.23 39.50 20.61
CA PRO A 16 -0.05 40.90 20.31
C PRO A 16 -0.02 41.23 18.81
N ARG A 17 -0.98 42.04 18.35
CA ARG A 17 -1.12 42.43 16.95
C ARG A 17 0.16 43.03 16.36
N GLU A 18 0.89 43.79 17.19
CA GLU A 18 2.10 44.47 16.76
C GLU A 18 3.25 43.50 16.52
N SER A 19 3.07 42.24 16.93
CA SER A 19 4.06 41.20 16.67
C SER A 19 3.88 40.63 15.25
N LEU A 20 2.78 41.04 14.61
CA LEU A 20 2.44 40.66 13.24
C LEU A 20 2.77 41.74 12.21
N ARG A 21 2.83 41.34 10.95
CA ARG A 21 3.16 42.24 9.84
C ARG A 21 2.47 41.75 8.55
N LEU A 22 1.33 42.36 8.22
CA LEU A 22 0.54 41.93 7.06
C LEU A 22 1.03 42.50 5.73
N GLU A 23 1.67 41.65 4.93
CA GLU A 23 2.34 42.05 3.70
C GLU A 23 1.49 41.93 2.42
N VAL A 24 1.43 40.74 1.83
CA VAL A 24 0.71 40.52 0.55
C VAL A 24 -0.64 39.82 0.75
N LYS A 25 -1.67 40.30 0.04
CA LYS A 25 -3.01 39.68 0.07
C LYS A 25 -2.99 38.37 -0.71
N LEU A 26 -3.87 37.44 -0.35
CA LEU A 26 -3.96 36.17 -1.08
C LEU A 26 -5.38 35.82 -1.57
N GLY A 27 -6.41 36.47 -1.03
CA GLY A 27 -7.77 36.27 -1.53
C GLY A 27 -8.88 36.59 -0.54
N GLN A 28 -9.96 37.18 -1.04
CA GLN A 28 -11.11 37.54 -0.21
C GLN A 28 -12.13 36.42 -0.14
N GLY A 29 -12.80 36.33 1.01
CA GLY A 29 -14.01 35.52 1.19
C GLY A 29 -15.13 36.39 1.76
N CYS A 30 -16.32 35.80 1.94
CA CYS A 30 -17.48 36.56 2.42
C CYS A 30 -17.38 37.00 3.89
N PHE A 31 -16.37 36.49 4.60
CA PHE A 31 -16.23 36.75 6.03
C PHE A 31 -14.89 37.37 6.43
N GLY A 32 -13.99 37.52 5.46
CA GLY A 32 -12.69 38.13 5.70
C GLY A 32 -11.66 37.81 4.63
N GLU A 33 -10.44 38.24 4.87
CA GLU A 33 -9.36 38.08 3.90
C GLU A 33 -8.29 37.09 4.37
N VAL A 34 -7.39 36.72 3.46
CA VAL A 34 -6.30 35.78 3.75
C VAL A 34 -5.00 36.42 3.25
N TRP A 35 -4.12 36.77 4.19
CA TRP A 35 -2.89 37.52 3.91
C TRP A 35 -1.63 36.73 4.28
N MET A 36 -0.65 36.75 3.38
CA MET A 36 0.72 36.30 3.67
C MET A 36 1.38 37.37 4.53
N GLY A 37 2.37 36.99 5.33
CA GLY A 37 3.00 37.98 6.21
C GLY A 37 4.10 37.49 7.13
N THR A 38 4.38 38.31 8.15
CA THR A 38 5.51 38.08 9.03
C THR A 38 5.16 38.15 10.52
N TRP A 39 5.50 37.06 11.21
CA TRP A 39 5.37 36.94 12.65
C TRP A 39 6.75 37.14 13.25
N ASN A 40 6.83 38.10 14.17
CA ASN A 40 8.07 38.49 14.88
C ASN A 40 9.26 38.83 13.96
N GLY A 41 9.00 39.38 12.79
CA GLY A 41 10.04 39.70 11.82
C GLY A 41 10.95 38.53 11.44
N THR A 42 10.49 37.31 11.65
CA THR A 42 11.34 36.12 11.46
C THR A 42 10.68 35.01 10.65
N THR A 43 9.34 34.96 10.67
CA THR A 43 8.61 33.76 10.25
C THR A 43 7.57 33.99 9.14
N ARG A 44 7.83 33.40 7.97
CA ARG A 44 6.83 33.32 6.90
C ARG A 44 5.53 32.77 7.51
N VAL A 45 4.42 33.47 7.29
CA VAL A 45 3.18 33.13 7.98
C VAL A 45 1.92 33.24 7.10
N ALA A 46 0.80 32.71 7.58
CA ALA A 46 -0.48 32.83 6.89
C ALA A 46 -1.56 33.30 7.86
N ILE A 47 -2.24 34.40 7.49
CA ILE A 47 -3.22 35.05 8.36
C ILE A 47 -4.62 35.13 7.75
N LYS A 48 -5.61 34.72 8.54
CA LYS A 48 -7.01 34.81 8.16
C LYS A 48 -7.68 35.93 8.97
N THR A 49 -8.55 36.70 8.30
CA THR A 49 -9.17 37.88 8.89
C THR A 49 -10.66 37.67 9.16
N LEU A 50 -11.19 38.34 10.18
CA LEU A 50 -12.64 38.46 10.35
C LEU A 50 -13.13 39.85 9.99
N LYS A 51 -14.01 39.92 9.00
CA LYS A 51 -14.66 41.16 8.60
C LYS A 51 -15.70 41.49 9.67
N PRO A 52 -15.48 42.58 10.43
CA PRO A 52 -16.21 42.83 11.69
C PRO A 52 -17.74 42.90 11.51
N GLY A 53 -18.46 42.22 12.41
CA GLY A 53 -19.91 42.15 12.35
C GLY A 53 -20.49 41.45 11.13
N THR A 54 -19.72 40.52 10.55
CA THR A 54 -20.23 39.66 9.47
C THR A 54 -20.43 38.23 9.98
N MET A 55 -20.09 38.03 11.26
CA MET A 55 -20.13 36.73 11.93
C MET A 55 -19.82 36.88 13.43
N SER A 56 -20.41 36.00 14.24
CA SER A 56 -20.15 35.93 15.68
C SER A 56 -18.66 35.62 15.97
N PRO A 57 -17.95 36.54 16.66
CA PRO A 57 -16.53 36.36 17.01
C PRO A 57 -16.19 35.05 17.73
N GLU A 58 -17.19 34.40 18.32
CA GLU A 58 -16.97 33.10 18.97
C GLU A 58 -17.06 31.91 18.00
N ALA A 59 -17.75 32.09 16.87
CA ALA A 59 -17.85 31.03 15.84
C ALA A 59 -16.66 31.07 14.87
N PHE A 60 -16.15 32.28 14.60
CA PHE A 60 -14.96 32.46 13.77
C PHE A 60 -13.74 31.83 14.43
N LEU A 61 -13.76 31.80 15.76
CA LEU A 61 -12.67 31.24 16.56
C LEU A 61 -12.91 29.79 16.99
N GLN A 62 -13.95 29.16 16.45
CA GLN A 62 -14.10 27.73 16.64
C GLN A 62 -13.21 26.98 15.65
N GLU A 63 -12.89 27.64 14.53
CA GLU A 63 -11.89 27.14 13.59
C GLU A 63 -10.60 26.86 14.35
N ALA A 64 -10.25 27.76 15.25
CA ALA A 64 -9.04 27.63 16.05
C ALA A 64 -9.16 26.55 17.11
N GLN A 65 -10.35 26.41 17.70
CA GLN A 65 -10.59 25.38 18.72
C GLN A 65 -10.27 24.00 18.20
N VAL A 66 -10.57 23.77 16.92
CA VAL A 66 -10.35 22.50 16.26
C VAL A 66 -8.87 22.34 15.96
N MET A 67 -8.25 23.38 15.42
CA MET A 67 -6.83 23.33 15.04
C MET A 67 -5.90 23.11 16.23
N LYS A 68 -6.40 23.36 17.43
CA LYS A 68 -5.66 23.09 18.67
C LYS A 68 -5.76 21.62 19.02
N LYS A 69 -6.99 21.09 19.02
CA LYS A 69 -7.21 19.67 19.31
C LYS A 69 -6.50 18.73 18.33
N LEU A 70 -6.43 19.13 17.06
CA LEU A 70 -5.88 18.27 16.01
C LEU A 70 -4.49 18.70 15.54
N ARG A 71 -3.46 18.13 16.17
CA ARG A 71 -2.06 18.41 15.80
C ARG A 71 -1.33 17.15 15.28
N HIS A 72 -0.83 17.24 14.04
CA HIS A 72 -0.19 16.11 13.36
C HIS A 72 0.66 16.63 12.20
N GLU A 73 1.77 15.96 11.92
CA GLU A 73 2.72 16.40 10.89
C GLU A 73 2.13 16.53 9.47
N LYS A 74 1.04 15.82 9.20
CA LYS A 74 0.37 15.91 7.91
C LYS A 74 -0.91 16.74 7.96
N LEU A 75 -1.10 17.44 9.07
CA LEU A 75 -2.19 18.40 9.21
C LEU A 75 -1.59 19.79 9.26
N VAL A 76 -2.40 20.79 8.91
CA VAL A 76 -1.96 22.20 8.98
C VAL A 76 -1.72 22.62 10.41
N GLN A 77 -0.54 23.16 10.70
CA GLN A 77 -0.31 23.56 12.08
C GLN A 77 -0.74 25.00 12.37
N LEU A 78 -1.57 25.15 13.40
CA LEU A 78 -1.97 26.45 13.91
C LEU A 78 -0.77 27.04 14.66
N TYR A 79 -0.63 28.36 14.59
CA TYR A 79 0.46 29.06 15.25
C TYR A 79 0.02 29.92 16.44
N ALA A 80 -0.93 30.83 16.21
CA ALA A 80 -1.34 31.82 17.22
C ALA A 80 -2.66 32.50 16.87
N VAL A 81 -3.39 32.94 17.89
CA VAL A 81 -4.62 33.72 17.69
C VAL A 81 -4.51 35.16 18.22
N VAL A 82 -5.38 36.03 17.73
CA VAL A 82 -5.60 37.36 18.30
C VAL A 82 -7.11 37.47 18.50
N SER A 83 -7.56 37.64 19.73
CA SER A 83 -8.98 37.43 20.05
C SER A 83 -9.85 38.70 20.21
N GLU A 84 -9.22 39.85 20.43
CA GLU A 84 -9.95 41.12 20.42
C GLU A 84 -9.99 41.74 19.01
N GLU A 85 -11.20 41.98 18.53
CA GLU A 85 -11.46 42.52 17.18
C GLU A 85 -10.64 43.79 16.90
N PRO A 86 -10.06 43.92 15.68
CA PRO A 86 -10.04 42.96 14.56
C PRO A 86 -9.35 41.65 14.93
N ILE A 87 -10.02 40.55 14.62
CA ILE A 87 -9.56 39.22 14.98
C ILE A 87 -8.63 38.63 13.90
N TYR A 88 -7.74 37.72 14.31
CA TYR A 88 -6.85 37.00 13.40
C TYR A 88 -6.67 35.55 13.83
N ILE A 89 -6.32 34.70 12.88
CA ILE A 89 -5.89 33.32 13.12
C ILE A 89 -4.64 33.11 12.28
N VAL A 90 -3.55 32.74 12.93
CA VAL A 90 -2.27 32.60 12.24
C VAL A 90 -1.86 31.14 12.17
N THR A 91 -1.58 30.66 10.97
CA THR A 91 -1.11 29.28 10.75
C THR A 91 0.11 29.30 9.84
N GLU A 92 0.85 28.19 9.81
CA GLU A 92 2.07 28.09 9.00
C GLU A 92 1.83 28.40 7.52
N TYR A 93 2.91 28.75 6.83
CA TYR A 93 2.79 29.21 5.45
C TYR A 93 3.22 28.15 4.45
N MET A 94 2.24 27.66 3.69
CA MET A 94 2.46 26.63 2.69
C MET A 94 2.77 27.22 1.32
N SER A 95 4.04 27.09 0.92
CA SER A 95 4.60 27.81 -0.22
C SER A 95 3.91 27.59 -1.57
N LYS A 96 3.83 26.34 -2.03
CA LYS A 96 3.20 26.06 -3.33
C LYS A 96 1.69 26.32 -3.31
N GLY A 97 1.18 26.72 -2.15
CA GLY A 97 -0.24 27.01 -2.00
C GLY A 97 -1.10 25.77 -2.10
N CYS A 98 -2.25 25.94 -2.75
CA CYS A 98 -3.33 24.95 -2.80
C CYS A 98 -3.04 23.82 -3.79
N LEU A 99 -3.31 22.56 -3.41
CA LEU A 99 -2.96 21.40 -4.27
C LEU A 99 -3.67 21.37 -5.63
N LEU A 100 -4.91 21.85 -5.68
CA LEU A 100 -5.63 21.91 -6.93
C LEU A 100 -4.93 22.85 -7.92
N ASP A 101 -4.56 24.05 -7.46
CA ASP A 101 -3.89 25.02 -8.33
C ASP A 101 -2.54 24.50 -8.78
N PHE A 102 -1.84 23.88 -7.84
CA PHE A 102 -0.56 23.21 -8.09
C PHE A 102 -0.59 22.19 -9.22
N LEU A 103 -1.66 21.38 -9.29
CA LEU A 103 -1.78 20.31 -10.28
C LEU A 103 -2.13 20.81 -11.67
N LYS A 104 -2.96 21.86 -11.75
CA LYS A 104 -3.35 22.39 -13.07
C LYS A 104 -2.59 23.67 -13.34
N GLY A 105 -1.30 23.67 -13.03
CA GLY A 105 -0.40 24.79 -13.25
C GLY A 105 0.86 24.34 -13.95
N GLU A 106 1.95 25.09 -13.75
CA GLU A 106 3.19 24.82 -14.48
C GLU A 106 3.86 23.50 -14.13
N MET A 107 3.75 23.08 -12.86
CA MET A 107 4.39 21.82 -12.43
C MET A 107 3.60 20.58 -12.81
N GLY A 108 2.36 20.79 -13.26
CA GLY A 108 1.48 19.73 -13.75
C GLY A 108 2.14 18.69 -14.63
N LYS A 109 2.42 19.04 -15.88
CA LYS A 109 2.98 18.11 -16.87
C LYS A 109 4.21 17.33 -16.41
N TYR A 110 4.89 17.86 -15.39
CA TYR A 110 6.13 17.25 -14.93
C TYR A 110 5.93 16.15 -13.89
N LEU A 111 4.81 16.21 -13.17
CA LEU A 111 4.48 15.21 -12.18
C LEU A 111 4.17 13.88 -12.84
N ARG A 112 4.61 12.80 -12.20
CA ARG A 112 4.34 11.46 -12.68
C ARG A 112 3.79 10.66 -11.52
N LEU A 113 3.41 9.41 -11.80
CA LEU A 113 2.75 8.57 -10.81
C LEU A 113 3.47 8.51 -9.45
N PRO A 114 4.80 8.21 -9.45
CA PRO A 114 5.53 8.16 -8.18
C PRO A 114 5.33 9.40 -7.29
N GLN A 115 5.47 10.59 -7.87
CA GLN A 115 5.25 11.84 -7.13
C GLN A 115 3.80 11.93 -6.69
N LEU A 116 2.91 11.61 -7.63
CA LEU A 116 1.47 11.65 -7.39
C LEU A 116 1.03 10.68 -6.29
N VAL A 117 1.47 9.43 -6.36
CA VAL A 117 1.19 8.44 -5.31
C VAL A 117 1.73 8.91 -3.95
N ASP A 118 2.99 9.36 -3.93
CA ASP A 118 3.61 9.88 -2.72
C ASP A 118 2.78 10.97 -2.06
N MET A 119 2.16 11.83 -2.86
CA MET A 119 1.30 12.87 -2.32
C MET A 119 0.06 12.23 -1.68
N ALA A 120 -0.54 11.30 -2.42
CA ALA A 120 -1.70 10.56 -1.94
C ALA A 120 -1.41 9.91 -0.58
N ALA A 121 -0.24 9.25 -0.46
CA ALA A 121 0.17 8.58 0.78
C ALA A 121 0.18 9.51 1.98
N GLN A 122 0.80 10.68 1.79
CA GLN A 122 0.85 11.73 2.81
C GLN A 122 -0.53 12.16 3.29
N ILE A 123 -1.45 12.34 2.34
CA ILE A 123 -2.83 12.75 2.64
C ILE A 123 -3.53 11.65 3.42
N ALA A 124 -3.44 10.42 2.92
CA ALA A 124 -3.99 9.27 3.62
C ALA A 124 -3.49 9.19 5.06
N SER A 125 -2.18 9.43 5.25
CA SER A 125 -1.55 9.41 6.57
C SER A 125 -2.17 10.40 7.56
N GLY A 126 -2.36 11.64 7.09
CA GLY A 126 -3.02 12.66 7.87
C GLY A 126 -4.46 12.27 8.15
N MET A 127 -5.16 11.84 7.11
CA MET A 127 -6.54 11.37 7.27
C MET A 127 -6.62 10.13 8.18
N ALA A 128 -5.57 9.32 8.19
CA ALA A 128 -5.45 8.24 9.14
C ALA A 128 -5.47 8.75 10.58
N TYR A 129 -4.77 9.87 10.82
CA TYR A 129 -4.74 10.52 12.14
C TYR A 129 -6.12 11.02 12.55
N VAL A 130 -6.86 11.57 11.59
CA VAL A 130 -8.23 12.03 11.80
C VAL A 130 -9.13 10.85 12.20
N GLU A 131 -8.90 9.71 11.55
CA GLU A 131 -9.56 8.43 11.84
C GLU A 131 -9.37 7.99 13.29
N ARG A 132 -8.15 8.18 13.80
CA ARG A 132 -7.80 7.88 15.21
C ARG A 132 -8.58 8.76 16.15
N MET A 133 -8.79 10.01 15.74
CA MET A 133 -9.39 11.04 16.59
C MET A 133 -10.91 11.00 16.61
N ASN A 134 -11.48 10.18 15.72
CA ASN A 134 -12.94 10.09 15.53
C ASN A 134 -13.55 11.40 15.04
N TYR A 135 -12.72 12.20 14.38
CA TYR A 135 -13.17 13.39 13.71
C TYR A 135 -13.57 13.02 12.28
N VAL A 136 -14.43 13.84 11.68
CA VAL A 136 -14.92 13.66 10.32
C VAL A 136 -14.64 14.94 9.52
N HIS A 137 -14.06 14.80 8.34
CA HIS A 137 -13.64 15.98 7.59
C HIS A 137 -14.77 16.67 6.83
N ARG A 138 -15.59 15.89 6.13
CA ARG A 138 -16.78 16.40 5.46
C ARG A 138 -16.52 17.12 4.13
N ASP A 139 -15.29 17.50 3.85
CA ASP A 139 -14.99 18.19 2.60
C ASP A 139 -13.55 18.03 2.08
N LEU A 140 -13.06 16.79 2.11
CA LEU A 140 -11.75 16.44 1.59
C LEU A 140 -11.77 16.45 0.07
N ARG A 141 -10.75 17.08 -0.51
CA ARG A 141 -10.52 17.10 -1.96
C ARG A 141 -9.36 18.02 -2.34
N ALA A 142 -8.76 17.77 -3.51
CA ALA A 142 -7.60 18.51 -4.01
C ALA A 142 -7.55 20.01 -3.64
N ALA A 143 -8.71 20.65 -3.52
CA ALA A 143 -8.80 22.08 -3.20
C ALA A 143 -8.50 22.42 -1.73
N ASN A 144 -8.72 21.45 -0.85
CA ASN A 144 -8.47 21.63 0.58
C ASN A 144 -7.17 21.03 1.04
N ILE A 145 -6.29 20.71 0.10
CA ILE A 145 -4.95 20.25 0.45
C ILE A 145 -3.95 21.39 0.22
N LEU A 146 -3.03 21.59 1.16
CA LEU A 146 -1.97 22.56 1.00
C LEU A 146 -0.65 21.87 0.65
N VAL A 147 0.12 22.46 -0.27
CA VAL A 147 1.40 21.91 -0.74
C VAL A 147 2.56 22.81 -0.36
N GLY A 148 3.59 22.23 0.25
CA GLY A 148 4.71 23.03 0.73
C GLY A 148 6.01 22.83 -0.03
N GLU A 149 7.12 22.93 0.69
CA GLU A 149 8.42 22.62 0.11
C GLU A 149 8.55 21.11 -0.01
N ASN A 150 9.33 20.66 -1.00
CA ASN A 150 9.60 19.22 -1.17
C ASN A 150 8.34 18.35 -1.35
N LEU A 151 7.26 18.96 -1.83
CA LEU A 151 6.01 18.24 -2.10
C LEU A 151 5.28 17.73 -0.85
N VAL A 152 5.55 18.36 0.29
CA VAL A 152 4.81 18.06 1.49
C VAL A 152 3.36 18.48 1.24
N CYS A 153 2.44 17.61 1.63
CA CYS A 153 1.00 17.88 1.52
C CYS A 153 0.34 17.76 2.88
N LYS A 154 -0.39 18.78 3.27
CA LYS A 154 -1.09 18.73 4.54
C LYS A 154 -2.57 18.95 4.31
N VAL A 155 -3.38 18.27 5.11
CA VAL A 155 -4.83 18.40 5.09
C VAL A 155 -5.24 19.74 5.71
N ALA A 156 -6.01 20.52 4.97
CA ALA A 156 -6.51 21.80 5.47
C ALA A 156 -8.02 21.90 5.26
N ASP A 157 -8.55 23.13 5.40
CA ASP A 157 -9.90 23.46 4.97
C ASP A 157 -10.02 24.97 4.79
N PHE A 158 -10.36 25.39 3.57
CA PHE A 158 -10.44 26.81 3.20
C PHE A 158 -11.74 27.54 3.62
N GLY A 159 -12.78 26.78 3.98
CA GLY A 159 -14.06 27.34 4.43
C GLY A 159 -14.89 27.92 3.29
N PHE A 177 -22.63 23.35 -3.68
CA PHE A 177 -22.51 22.13 -2.89
C PHE A 177 -21.57 21.13 -3.59
N PRO A 178 -20.55 20.62 -2.86
CA PRO A 178 -19.51 19.77 -3.46
C PRO A 178 -20.00 18.34 -3.60
N ILE A 179 -21.05 18.17 -4.39
CA ILE A 179 -21.74 16.88 -4.48
C ILE A 179 -20.94 15.81 -5.23
N LYS A 180 -20.27 16.19 -6.31
CA LYS A 180 -19.39 15.26 -7.05
C LYS A 180 -18.31 14.61 -6.18
N TRP A 181 -17.98 15.23 -5.06
CA TRP A 181 -16.98 14.70 -4.14
C TRP A 181 -17.59 13.98 -2.93
N THR A 182 -18.91 14.13 -2.75
CA THR A 182 -19.59 13.63 -1.55
C THR A 182 -20.24 12.27 -1.74
N ALA A 183 -20.04 11.39 -0.75
CA ALA A 183 -20.67 10.09 -0.67
C ALA A 183 -22.18 10.25 -0.68
N PRO A 184 -22.91 9.34 -1.35
CA PRO A 184 -24.36 9.51 -1.52
C PRO A 184 -25.18 9.46 -0.20
N GLU A 185 -24.77 8.66 0.78
CA GLU A 185 -25.47 8.65 2.07
C GLU A 185 -25.37 10.00 2.75
N ALA A 186 -24.23 10.66 2.59
CA ALA A 186 -24.03 12.00 3.11
C ALA A 186 -24.83 13.00 2.30
N ALA A 187 -24.63 12.98 0.98
CA ALA A 187 -25.32 13.89 0.07
C ALA A 187 -26.84 13.85 0.23
N LEU A 188 -27.38 12.66 0.48
CA LEU A 188 -28.82 12.46 0.49
C LEU A 188 -29.46 12.54 1.88
N TYR A 189 -28.86 11.89 2.89
CA TYR A 189 -29.49 11.76 4.20
C TYR A 189 -28.69 12.40 5.34
N GLY A 190 -27.57 13.03 5.01
CA GLY A 190 -26.74 13.68 6.01
C GLY A 190 -25.95 12.73 6.88
N ARG A 191 -25.76 11.49 6.44
CA ARG A 191 -24.88 10.54 7.14
C ARG A 191 -23.41 10.83 6.83
N PHE A 192 -22.84 11.78 7.56
CA PHE A 192 -21.42 12.14 7.40
C PHE A 192 -20.54 11.33 8.34
N THR A 193 -19.50 10.71 7.78
CA THR A 193 -18.67 9.75 8.51
C THR A 193 -17.29 9.65 7.88
N ILE A 194 -16.35 9.03 8.60
CA ILE A 194 -15.02 8.77 8.05
C ILE A 194 -15.13 7.92 6.76
N LYS A 195 -16.19 7.12 6.66
CA LYS A 195 -16.44 6.31 5.47
C LYS A 195 -16.99 7.14 4.32
N SER A 196 -17.60 8.28 4.65
CA SER A 196 -18.00 9.21 3.62
C SER A 196 -16.79 10.02 3.15
N ASP A 197 -15.81 10.18 4.03
CA ASP A 197 -14.54 10.82 3.69
C ASP A 197 -13.70 9.92 2.79
N VAL A 198 -13.60 8.65 3.15
CA VAL A 198 -12.97 7.61 2.33
C VAL A 198 -13.45 7.66 0.88
N TRP A 199 -14.77 7.81 0.70
CA TRP A 199 -15.35 8.03 -0.62
C TRP A 199 -14.71 9.21 -1.37
N SER A 200 -14.60 10.36 -0.72
CA SER A 200 -14.02 11.55 -1.34
C SER A 200 -12.54 11.34 -1.67
N PHE A 201 -11.85 10.61 -0.81
CA PHE A 201 -10.45 10.26 -1.07
C PHE A 201 -10.37 9.65 -2.47
N GLY A 202 -11.17 8.62 -2.73
CA GLY A 202 -11.21 7.97 -4.06
C GLY A 202 -11.40 8.95 -5.21
N ILE A 203 -12.26 9.94 -4.99
CA ILE A 203 -12.47 11.01 -5.95
C ILE A 203 -11.19 11.83 -6.06
N LEU A 204 -10.61 12.15 -4.91
CA LEU A 204 -9.31 12.87 -4.86
C LEU A 204 -8.25 12.19 -5.72
N LEU A 205 -8.22 10.87 -5.70
CA LEU A 205 -7.29 10.10 -6.50
C LEU A 205 -7.47 10.36 -8.00
N THR A 206 -8.72 10.49 -8.46
CA THR A 206 -8.92 10.81 -9.87
C THR A 206 -8.35 12.19 -10.20
N GLU A 207 -8.55 13.15 -9.29
CA GLU A 207 -7.99 14.50 -9.45
C GLU A 207 -6.49 14.41 -9.65
N LEU A 208 -5.84 13.60 -8.80
CA LEU A 208 -4.39 13.41 -8.86
C LEU A 208 -3.96 12.78 -10.19
N THR A 209 -4.74 11.81 -10.67
CA THR A 209 -4.37 11.09 -11.88
C THR A 209 -4.69 11.88 -13.17
N THR A 210 -5.62 12.82 -13.10
CA THR A 210 -6.02 13.60 -14.27
C THR A 210 -5.44 15.01 -14.24
N LYS A 211 -4.50 15.24 -13.33
CA LYS A 211 -3.81 16.53 -13.18
C LYS A 211 -4.76 17.73 -12.99
N GLY A 212 -5.60 17.63 -11.96
CA GLY A 212 -6.50 18.73 -11.57
C GLY A 212 -7.83 18.84 -12.31
N ARG A 213 -8.27 17.75 -12.94
CA ARG A 213 -9.53 17.76 -13.67
C ARG A 213 -10.75 17.72 -12.76
N VAL A 214 -11.91 18.11 -13.29
CA VAL A 214 -13.15 17.96 -12.56
C VAL A 214 -13.58 16.51 -12.79
N PRO A 215 -14.07 15.83 -11.73
CA PRO A 215 -14.57 14.48 -11.88
C PRO A 215 -15.89 14.46 -12.64
N TYR A 216 -16.25 13.31 -13.20
CA TYR A 216 -17.44 13.17 -14.04
C TYR A 216 -17.53 14.33 -15.04
N PRO A 217 -16.62 14.36 -16.02
CA PRO A 217 -16.70 15.40 -17.05
C PRO A 217 -17.95 15.24 -17.92
N GLY A 218 -18.57 16.36 -18.24
CA GLY A 218 -19.75 16.36 -19.11
C GLY A 218 -21.02 15.96 -18.38
N MET A 219 -20.97 15.98 -17.06
CA MET A 219 -22.12 15.59 -16.25
C MET A 219 -22.52 16.71 -15.33
N VAL A 220 -23.79 17.11 -15.42
CA VAL A 220 -24.34 18.13 -14.54
C VAL A 220 -24.71 17.54 -13.17
N ASN A 221 -24.82 18.40 -12.16
CA ASN A 221 -24.97 17.97 -10.76
C ASN A 221 -26.08 16.96 -10.46
N ARG A 222 -27.20 17.06 -11.17
CA ARG A 222 -28.29 16.09 -11.00
C ARG A 222 -27.94 14.72 -11.58
N GLU A 223 -27.25 14.72 -12.72
CA GLU A 223 -26.89 13.47 -13.39
C GLU A 223 -26.07 12.60 -12.47
N VAL A 224 -25.11 13.22 -11.79
CA VAL A 224 -24.25 12.52 -10.85
C VAL A 224 -25.09 11.70 -9.87
N LEU A 225 -25.95 12.37 -9.10
CA LEU A 225 -26.83 11.71 -8.14
C LEU A 225 -27.57 10.53 -8.75
N ASP A 226 -28.23 10.80 -9.87
CA ASP A 226 -29.09 9.86 -10.60
C ASP A 226 -28.33 8.62 -11.03
N GLN A 227 -27.19 8.84 -11.68
CA GLN A 227 -26.34 7.79 -12.25
C GLN A 227 -25.63 6.96 -11.18
N VAL A 228 -24.99 7.65 -10.22
CA VAL A 228 -24.25 7.02 -9.13
C VAL A 228 -25.08 5.95 -8.43
N GLU A 229 -26.30 6.31 -8.05
CA GLU A 229 -27.23 5.41 -7.37
C GLU A 229 -27.63 4.21 -8.23
N ARG A 230 -27.85 4.49 -9.52
CA ARG A 230 -28.07 3.42 -10.49
C ARG A 230 -26.86 2.46 -10.57
N GLY A 231 -25.66 2.94 -10.28
CA GLY A 231 -24.46 2.09 -10.22
C GLY A 231 -23.19 2.57 -10.93
N TYR A 232 -23.30 3.68 -11.66
CA TYR A 232 -22.16 4.24 -12.41
C TYR A 232 -20.97 4.59 -11.52
N ARG A 233 -19.77 4.39 -12.07
CA ARG A 233 -18.52 4.71 -11.41
C ARG A 233 -17.54 5.24 -12.46
N MET A 234 -16.52 5.97 -12.03
CA MET A 234 -15.58 6.55 -13.00
C MET A 234 -14.65 5.49 -13.58
N PRO A 235 -14.53 5.48 -14.93
CA PRO A 235 -13.57 4.65 -15.64
C PRO A 235 -12.13 4.94 -15.24
N CYS A 236 -11.30 3.90 -15.28
CA CYS A 236 -9.86 4.06 -15.11
C CYS A 236 -9.34 5.15 -16.05
N PRO A 237 -8.72 6.20 -15.50
CA PRO A 237 -8.14 7.27 -16.34
C PRO A 237 -6.98 6.75 -17.20
N PRO A 238 -6.77 7.36 -18.38
CA PRO A 238 -5.67 7.02 -19.27
C PRO A 238 -4.36 6.80 -18.53
N GLU A 239 -3.60 5.78 -18.94
CA GLU A 239 -2.30 5.48 -18.35
C GLU A 239 -2.29 5.26 -16.83
N CYS A 240 -3.42 4.89 -16.25
CA CYS A 240 -3.45 4.60 -14.82
C CYS A 240 -3.53 3.10 -14.60
N PRO A 241 -2.58 2.55 -13.82
CA PRO A 241 -2.55 1.11 -13.54
C PRO A 241 -3.90 0.62 -13.05
N GLU A 242 -4.36 -0.51 -13.56
CA GLU A 242 -5.68 -1.02 -13.20
C GLU A 242 -5.77 -1.27 -11.69
N SER A 243 -4.62 -1.54 -11.07
CA SER A 243 -4.56 -1.73 -9.61
C SER A 243 -4.98 -0.48 -8.87
N LEU A 244 -4.52 0.68 -9.34
CA LEU A 244 -4.90 1.94 -8.72
C LEU A 244 -6.39 2.22 -8.84
N HIS A 245 -6.94 2.05 -10.05
CA HIS A 245 -8.38 2.26 -10.29
C HIS A 245 -9.20 1.36 -9.37
N ASP A 246 -8.64 0.20 -9.08
CA ASP A 246 -9.29 -0.78 -8.23
C ASP A 246 -9.49 -0.24 -6.82
N LEU A 247 -8.43 0.36 -6.28
CA LEU A 247 -8.45 1.02 -4.99
C LEU A 247 -9.53 2.10 -4.96
N MET A 248 -9.70 2.81 -6.07
CA MET A 248 -10.75 3.82 -6.18
C MET A 248 -12.14 3.20 -6.02
N CYS A 249 -12.36 2.06 -6.66
CA CYS A 249 -13.65 1.39 -6.62
C CYS A 249 -13.94 0.86 -5.22
N GLN A 250 -12.90 0.39 -4.53
CA GLN A 250 -13.02 -0.01 -3.13
C GLN A 250 -13.46 1.17 -2.26
N CYS A 251 -13.05 2.37 -2.63
CA CYS A 251 -13.45 3.59 -1.93
C CYS A 251 -14.90 3.98 -2.23
N TRP A 252 -15.42 3.49 -3.35
CA TRP A 252 -16.75 3.89 -3.79
C TRP A 252 -17.80 2.79 -3.59
N ARG A 253 -17.46 1.80 -2.75
CA ARG A 253 -18.40 0.73 -2.40
C ARG A 253 -19.70 1.29 -1.80
N LYS A 254 -20.85 0.82 -2.29
CA LYS A 254 -22.15 1.36 -1.89
C LYS A 254 -22.36 1.36 -0.38
N ASP A 255 -22.10 0.21 0.22
CA ASP A 255 -22.22 0.02 1.66
C ASP A 255 -21.06 0.70 2.39
N PRO A 256 -21.36 1.73 3.21
CA PRO A 256 -20.33 2.52 3.89
C PRO A 256 -19.31 1.66 4.65
N GLU A 257 -19.76 0.52 5.16
CA GLU A 257 -18.90 -0.36 5.95
C GLU A 257 -17.96 -1.24 5.14
N GLU A 258 -18.22 -1.37 3.85
CA GLU A 258 -17.33 -2.14 2.99
C GLU A 258 -16.16 -1.31 2.45
N ARG A 259 -16.12 -0.03 2.82
CA ARG A 259 -15.03 0.86 2.44
C ARG A 259 -13.84 0.70 3.38
N PRO A 260 -12.60 0.75 2.82
CA PRO A 260 -11.38 0.50 3.60
C PRO A 260 -11.10 1.62 4.58
N THR A 261 -10.17 1.39 5.50
CA THR A 261 -9.79 2.41 6.48
C THR A 261 -8.66 3.26 5.91
N PHE A 262 -8.54 4.49 6.37
CA PHE A 262 -7.41 5.31 5.92
C PHE A 262 -6.08 4.67 6.33
N GLU A 263 -6.07 3.93 7.44
CA GLU A 263 -4.89 3.20 7.85
C GLU A 263 -4.43 2.23 6.77
N TYR A 264 -5.37 1.45 6.25
CA TYR A 264 -5.08 0.49 5.18
C TYR A 264 -4.57 1.22 3.93
N LEU A 265 -5.27 2.29 3.56
CA LEU A 265 -4.93 3.05 2.37
C LEU A 265 -3.53 3.64 2.48
N GLN A 266 -3.19 4.21 3.64
CA GLN A 266 -1.86 4.76 3.86
C GLN A 266 -0.77 3.75 3.50
N ALA A 267 -0.85 2.56 4.11
CA ALA A 267 0.13 1.50 3.91
C ALA A 267 0.18 1.01 2.47
N PHE A 268 -1.01 0.90 1.85
CA PHE A 268 -1.14 0.45 0.47
C PHE A 268 -0.31 1.34 -0.42
N LEU A 269 -0.48 2.63 -0.23
CA LEU A 269 0.16 3.66 -1.06
C LEU A 269 1.63 3.79 -0.78
N GLU A 270 2.03 3.74 0.49
CA GLU A 270 3.44 3.77 0.86
C GLU A 270 4.21 2.64 0.18
N ASP A 271 3.63 1.43 0.20
CA ASP A 271 4.27 0.20 -0.28
C ASP A 271 4.02 -0.10 -1.75
N TYR A 272 3.45 0.87 -2.47
CA TYR A 272 2.85 0.62 -3.77
C TYR A 272 3.79 0.02 -4.83
N PHE A 273 4.98 0.60 -4.97
CA PHE A 273 5.89 0.23 -6.04
C PHE A 273 6.82 -0.96 -5.70
N THR A 274 6.76 -1.42 -4.45
CA THR A 274 7.40 -2.68 -4.11
C THR A 274 6.36 -3.79 -4.11
N SER A 275 5.25 -3.57 -3.43
CA SER A 275 4.27 -4.64 -3.22
C SER A 275 3.27 -4.81 -4.35
N THR A 276 2.76 -3.72 -4.92
CA THR A 276 1.62 -3.80 -5.83
C THR A 276 1.96 -3.68 -7.31
N GLU A 277 2.87 -2.78 -7.66
CA GLU A 277 3.25 -2.58 -9.08
C GLU A 277 4.75 -2.38 -9.24
N PRO A 278 5.56 -3.44 -9.03
CA PRO A 278 7.02 -3.29 -9.13
C PRO A 278 7.50 -3.28 -10.60
N GLN A 279 6.55 -3.52 -11.49
CA GLN A 279 6.74 -3.70 -12.92
C GLN A 279 6.46 -2.39 -13.65
N TYR A 280 6.37 -1.30 -12.89
CA TYR A 280 5.87 -0.02 -13.41
C TYR A 280 6.82 0.65 -14.38
N GLN A 281 6.31 0.97 -15.57
CA GLN A 281 7.06 1.67 -16.63
C GLN A 281 6.49 3.08 -16.86
N PRO A 282 7.33 4.14 -16.67
CA PRO A 282 6.87 5.52 -16.81
C PRO A 282 6.52 5.84 -18.26
N GLY A 283 5.47 6.62 -18.45
CA GLY A 283 4.96 6.91 -19.78
C GLY A 283 4.91 8.39 -20.10
N GLU A 284 4.12 8.73 -21.11
CA GLU A 284 3.96 10.12 -21.57
C GLU A 284 3.49 11.04 -20.48
N ASN A 285 2.51 10.60 -19.69
CA ASN A 285 1.83 11.47 -18.72
C ASN A 285 1.86 11.03 -17.25
N LEU A 286 1.86 9.71 -17.04
CA LEU A 286 2.00 9.13 -15.71
C LEU A 286 3.15 8.13 -15.68
N LYS B 10 8.00 -35.68 -25.85
CA LYS B 10 6.68 -36.17 -25.32
C LYS B 10 6.76 -36.73 -23.90
N ASP B 11 5.59 -37.06 -23.34
CA ASP B 11 5.45 -37.36 -21.92
C ASP B 11 4.23 -38.21 -21.62
N ALA B 12 4.14 -38.66 -20.37
CA ALA B 12 2.90 -39.17 -19.80
C ALA B 12 2.13 -38.00 -19.20
N TRP B 13 2.77 -36.83 -19.25
CA TRP B 13 2.21 -35.56 -18.78
C TRP B 13 1.30 -34.89 -19.82
N GLU B 14 1.52 -35.21 -21.10
CA GLU B 14 0.85 -34.54 -22.22
C GLU B 14 -0.67 -34.71 -22.25
N ILE B 15 -1.37 -33.65 -22.66
CA ILE B 15 -2.84 -33.67 -22.77
C ILE B 15 -3.35 -32.99 -24.05
N PRO B 16 -4.59 -33.34 -24.47
CA PRO B 16 -5.26 -32.65 -25.57
C PRO B 16 -5.61 -31.20 -25.23
N ARG B 17 -5.78 -30.36 -26.26
CA ARG B 17 -6.14 -28.95 -26.08
C ARG B 17 -7.59 -28.72 -25.65
N GLU B 18 -8.48 -29.60 -26.08
CA GLU B 18 -9.91 -29.54 -25.70
C GLU B 18 -10.09 -29.84 -24.22
N SER B 19 -9.05 -30.42 -23.61
CA SER B 19 -9.06 -30.92 -22.24
C SER B 19 -9.29 -29.83 -21.19
N LEU B 20 -8.69 -28.66 -21.43
CA LEU B 20 -8.83 -27.55 -20.49
C LEU B 20 -9.49 -26.31 -21.08
N ARG B 21 -10.21 -25.61 -20.23
CA ARG B 21 -10.87 -24.37 -20.58
C ARG B 21 -10.29 -23.25 -19.73
N LEU B 22 -9.89 -22.16 -20.37
CA LEU B 22 -9.40 -20.97 -19.70
C LEU B 22 -10.60 -20.09 -19.36
N GLU B 23 -10.69 -19.64 -18.11
CA GLU B 23 -11.90 -18.96 -17.63
C GLU B 23 -11.70 -17.50 -17.25
N VAL B 24 -10.78 -17.22 -16.33
CA VAL B 24 -10.49 -15.86 -15.88
C VAL B 24 -9.00 -15.56 -16.10
N LYS B 25 -8.69 -14.39 -16.65
CA LYS B 25 -7.30 -13.95 -16.79
C LYS B 25 -6.81 -13.39 -15.46
N LEU B 26 -5.68 -13.89 -14.98
CA LEU B 26 -5.16 -13.48 -13.67
C LEU B 26 -3.96 -12.54 -13.76
N GLY B 27 -3.53 -12.25 -14.98
CA GLY B 27 -2.44 -11.31 -15.19
C GLY B 27 -1.67 -11.59 -16.47
N GLN B 28 -0.96 -10.57 -16.96
CA GLN B 28 -0.12 -10.71 -18.14
C GLN B 28 1.34 -10.45 -17.79
N GLY B 29 2.22 -10.99 -18.62
CA GLY B 29 3.67 -10.76 -18.50
C GLY B 29 4.25 -10.41 -19.85
N CYS B 30 5.58 -10.49 -19.95
CA CYS B 30 6.30 -10.11 -21.16
C CYS B 30 6.38 -11.28 -22.16
N PHE B 31 6.11 -12.48 -21.67
CA PHE B 31 6.24 -13.71 -22.46
C PHE B 31 4.92 -14.49 -22.60
N GLY B 32 3.97 -14.24 -21.70
CA GLY B 32 2.66 -14.89 -21.74
C GLY B 32 1.72 -14.44 -20.64
N GLU B 33 0.62 -15.14 -20.46
CA GLU B 33 -0.39 -14.78 -19.46
C GLU B 33 -0.65 -15.91 -18.46
N VAL B 34 -1.25 -15.57 -17.32
CA VAL B 34 -1.66 -16.57 -16.33
C VAL B 34 -3.18 -16.57 -16.18
N TRP B 35 -3.77 -17.75 -16.30
CA TRP B 35 -5.22 -17.92 -16.32
C TRP B 35 -5.67 -18.96 -15.30
N MET B 36 -6.83 -18.71 -14.69
CA MET B 36 -7.51 -19.73 -13.90
C MET B 36 -8.47 -20.44 -14.84
N GLY B 37 -8.71 -21.74 -14.60
CA GLY B 37 -9.56 -22.53 -15.48
C GLY B 37 -9.77 -23.93 -14.98
N THR B 38 -10.31 -24.78 -15.86
CA THR B 38 -10.71 -26.13 -15.46
C THR B 38 -10.23 -27.20 -16.44
N TRP B 39 -9.67 -28.26 -15.86
CA TRP B 39 -9.11 -29.40 -16.56
C TRP B 39 -10.02 -30.62 -16.39
N ASN B 40 -10.20 -31.37 -17.48
CA ASN B 40 -11.15 -32.49 -17.54
C ASN B 40 -12.53 -32.10 -17.03
N GLY B 41 -12.92 -30.86 -17.30
CA GLY B 41 -14.17 -30.28 -16.83
C GLY B 41 -14.53 -30.49 -15.35
N THR B 42 -13.53 -30.87 -14.54
CA THR B 42 -13.78 -31.23 -13.13
C THR B 42 -12.80 -30.60 -12.13
N THR B 43 -11.61 -30.23 -12.58
CA THR B 43 -10.54 -29.79 -11.66
C THR B 43 -9.97 -28.40 -12.01
N ARG B 44 -10.02 -27.49 -11.03
CA ARG B 44 -9.53 -26.12 -11.19
C ARG B 44 -8.01 -26.11 -11.35
N VAL B 45 -7.53 -25.36 -12.34
CA VAL B 45 -6.10 -25.33 -12.63
C VAL B 45 -5.57 -23.92 -12.87
N ALA B 46 -4.25 -23.77 -12.76
CA ALA B 46 -3.57 -22.54 -13.12
C ALA B 46 -2.84 -22.75 -14.44
N ILE B 47 -3.15 -21.91 -15.42
CA ILE B 47 -2.65 -22.09 -16.79
C ILE B 47 -1.69 -20.99 -17.24
N LYS B 48 -0.42 -21.34 -17.36
CA LYS B 48 0.61 -20.39 -17.81
C LYS B 48 0.81 -20.51 -19.33
N THR B 49 0.91 -19.36 -19.99
CA THR B 49 0.90 -19.25 -21.46
C THR B 49 2.24 -18.81 -22.03
N LEU B 50 2.50 -19.18 -23.29
CA LEU B 50 3.64 -18.64 -24.05
C LEU B 50 3.21 -18.04 -25.39
N LYS B 51 3.63 -16.80 -25.63
CA LYS B 51 3.44 -16.14 -26.92
C LYS B 51 4.50 -16.64 -27.91
N PRO B 52 4.06 -17.37 -28.97
CA PRO B 52 4.88 -18.06 -29.96
C PRO B 52 6.28 -17.46 -30.19
N GLY B 53 6.33 -16.19 -30.58
CA GLY B 53 7.61 -15.52 -30.82
C GLY B 53 7.95 -14.51 -29.74
N THR B 54 8.44 -14.99 -28.59
CA THR B 54 8.90 -14.15 -27.47
C THR B 54 10.03 -14.84 -26.71
N MET B 55 10.04 -16.18 -26.75
CA MET B 55 11.03 -16.99 -26.03
C MET B 55 11.04 -18.39 -26.64
N SER B 56 12.20 -19.04 -26.65
CA SER B 56 12.30 -20.38 -27.22
C SER B 56 11.51 -21.37 -26.37
N PRO B 57 10.78 -22.29 -27.02
CA PRO B 57 10.10 -23.41 -26.38
C PRO B 57 10.95 -24.03 -25.26
N GLU B 58 12.13 -24.54 -25.63
CA GLU B 58 13.08 -25.11 -24.67
C GLU B 58 13.26 -24.30 -23.38
N ALA B 59 13.54 -23.01 -23.54
CA ALA B 59 13.74 -22.11 -22.42
C ALA B 59 12.49 -21.97 -21.55
N PHE B 60 11.32 -21.87 -22.19
CA PHE B 60 10.07 -21.72 -21.47
C PHE B 60 9.65 -23.03 -20.80
N LEU B 61 9.97 -24.14 -21.46
CA LEU B 61 9.60 -25.45 -20.96
C LEU B 61 10.55 -26.02 -19.92
N GLN B 62 11.66 -25.31 -19.71
CA GLN B 62 12.59 -25.68 -18.65
C GLN B 62 11.90 -25.60 -17.29
N GLU B 63 10.91 -24.71 -17.19
CA GLU B 63 10.10 -24.56 -15.99
C GLU B 63 9.44 -25.87 -15.58
N ALA B 64 8.74 -26.52 -16.52
CA ALA B 64 8.05 -27.77 -16.22
C ALA B 64 9.01 -28.92 -15.92
N GLN B 65 10.23 -28.82 -16.44
CA GLN B 65 11.28 -29.82 -16.21
C GLN B 65 11.71 -29.84 -14.74
N VAL B 66 11.89 -28.64 -14.18
CA VAL B 66 12.24 -28.47 -12.76
C VAL B 66 11.10 -28.95 -11.88
N MET B 67 9.87 -28.71 -12.31
CA MET B 67 8.70 -29.08 -11.52
C MET B 67 8.39 -30.57 -11.56
N LYS B 68 9.22 -31.32 -12.29
CA LYS B 68 9.14 -32.78 -12.32
C LYS B 68 10.18 -33.38 -11.38
N LYS B 69 11.35 -32.76 -11.32
CA LYS B 69 12.44 -33.21 -10.47
C LYS B 69 12.13 -32.98 -8.99
N LEU B 70 11.39 -31.90 -8.71
CA LEU B 70 11.09 -31.49 -7.33
C LEU B 70 9.62 -31.67 -6.96
N ARG B 71 9.29 -32.76 -6.27
CA ARG B 71 7.92 -32.98 -5.80
C ARG B 71 7.87 -33.15 -4.27
N HIS B 72 6.98 -32.41 -3.62
CA HIS B 72 6.82 -32.46 -2.17
C HIS B 72 5.50 -31.81 -1.82
N GLU B 73 4.87 -32.21 -0.72
CA GLU B 73 3.53 -31.74 -0.36
C GLU B 73 3.42 -30.23 -0.13
N LYS B 74 4.55 -29.61 0.21
CA LYS B 74 4.62 -28.17 0.41
C LYS B 74 5.32 -27.48 -0.74
N LEU B 75 5.31 -28.12 -1.91
CA LEU B 75 5.76 -27.50 -3.15
C LEU B 75 4.63 -27.47 -4.16
N VAL B 76 4.73 -26.56 -5.12
CA VAL B 76 3.75 -26.41 -6.21
C VAL B 76 3.67 -27.67 -7.09
N GLN B 77 2.46 -27.96 -7.53
CA GLN B 77 2.21 -29.18 -8.25
C GLN B 77 2.03 -28.94 -9.74
N LEU B 78 2.88 -29.58 -10.54
CA LEU B 78 2.65 -29.69 -11.97
C LEU B 78 1.55 -30.72 -12.19
N TYR B 79 0.65 -30.41 -13.12
CA TYR B 79 -0.42 -31.32 -13.49
C TYR B 79 -0.21 -31.87 -14.91
N ALA B 80 -0.04 -30.98 -15.89
CA ALA B 80 0.01 -31.37 -17.30
C ALA B 80 0.77 -30.33 -18.14
N VAL B 81 1.19 -30.72 -19.34
CA VAL B 81 1.80 -29.78 -20.28
C VAL B 81 1.21 -29.90 -21.71
N VAL B 82 1.61 -28.96 -22.57
CA VAL B 82 1.28 -28.97 -23.99
C VAL B 82 2.55 -28.48 -24.71
N SER B 83 3.38 -29.42 -25.15
CA SER B 83 4.73 -29.12 -25.66
C SER B 83 4.72 -28.49 -27.04
N GLU B 84 3.61 -28.63 -27.76
CA GLU B 84 3.53 -28.12 -29.12
C GLU B 84 3.09 -26.65 -29.13
N GLU B 85 3.79 -25.82 -29.90
CA GLU B 85 3.39 -24.42 -30.11
C GLU B 85 1.92 -24.33 -30.53
N PRO B 86 1.13 -23.43 -29.89
CA PRO B 86 1.45 -22.65 -28.69
C PRO B 86 1.46 -23.51 -27.41
N ILE B 87 2.47 -23.27 -26.57
CA ILE B 87 2.70 -24.01 -25.32
C ILE B 87 1.74 -23.61 -24.21
N TYR B 88 1.38 -24.57 -23.35
CA TYR B 88 0.58 -24.33 -22.16
C TYR B 88 1.14 -25.18 -21.01
N ILE B 89 1.36 -24.58 -19.83
CA ILE B 89 1.80 -25.33 -18.64
C ILE B 89 0.69 -25.32 -17.58
N VAL B 90 0.41 -26.46 -16.98
CA VAL B 90 -0.72 -26.58 -16.06
C VAL B 90 -0.29 -26.97 -14.66
N THR B 91 -0.76 -26.22 -13.68
CA THR B 91 -0.42 -26.45 -12.28
C THR B 91 -1.66 -26.30 -11.39
N GLU B 92 -1.65 -26.92 -10.21
CA GLU B 92 -2.79 -26.83 -9.27
C GLU B 92 -3.17 -25.40 -8.84
N TYR B 93 -4.47 -25.14 -8.80
CA TYR B 93 -4.97 -23.81 -8.45
C TYR B 93 -4.96 -23.57 -6.95
N MET B 94 -4.03 -22.72 -6.51
CA MET B 94 -4.01 -22.30 -5.12
C MET B 94 -5.10 -21.26 -4.88
N SER B 95 -6.13 -21.70 -4.18
CA SER B 95 -7.38 -20.97 -3.97
C SER B 95 -7.29 -19.46 -3.57
N LYS B 96 -6.25 -19.07 -2.82
CA LYS B 96 -6.17 -17.71 -2.27
C LYS B 96 -4.97 -16.85 -2.71
N GLY B 97 -4.48 -17.03 -3.93
CA GLY B 97 -3.48 -16.12 -4.50
C GLY B 97 -2.15 -16.19 -3.79
N CYS B 98 -1.29 -15.19 -4.00
CA CYS B 98 0.01 -15.18 -3.34
C CYS B 98 -0.10 -14.68 -1.91
N LEU B 99 0.76 -15.22 -1.05
CA LEU B 99 0.76 -14.93 0.39
C LEU B 99 0.91 -13.44 0.71
N LEU B 100 1.66 -12.72 -0.13
CA LEU B 100 1.78 -11.26 0.01
C LEU B 100 0.44 -10.52 -0.12
N ASP B 101 -0.38 -10.91 -1.12
CA ASP B 101 -1.71 -10.34 -1.31
C ASP B 101 -2.64 -10.74 -0.19
N PHE B 102 -2.51 -12.01 0.19
CA PHE B 102 -3.35 -12.59 1.23
C PHE B 102 -3.16 -11.86 2.54
N LEU B 103 -1.91 -11.49 2.85
CA LEU B 103 -1.55 -10.89 4.13
C LEU B 103 -2.09 -9.48 4.31
N LYS B 104 -2.05 -8.68 3.24
CA LYS B 104 -2.54 -7.30 3.34
C LYS B 104 -3.93 -7.14 2.76
N GLY B 105 -4.57 -8.27 2.46
CA GLY B 105 -5.93 -8.28 1.96
C GLY B 105 -6.98 -8.22 3.06
N GLU B 106 -8.24 -8.31 2.65
CA GLU B 106 -9.39 -8.37 3.58
C GLU B 106 -9.12 -9.36 4.71
N MET B 107 -8.43 -10.44 4.37
CA MET B 107 -8.20 -11.56 5.27
C MET B 107 -7.20 -11.35 6.40
N GLY B 108 -6.22 -10.48 6.17
CA GLY B 108 -5.12 -10.24 7.12
C GLY B 108 -5.52 -9.86 8.53
N LYS B 109 -6.50 -8.96 8.64
CA LYS B 109 -7.16 -8.57 9.90
C LYS B 109 -7.16 -9.66 10.99
N TYR B 110 -7.63 -10.84 10.59
CA TYR B 110 -8.05 -11.88 11.53
C TYR B 110 -6.94 -12.85 11.90
N LEU B 111 -5.92 -12.93 11.05
CA LEU B 111 -4.74 -13.73 11.36
C LEU B 111 -4.05 -13.27 12.63
N ARG B 112 -3.63 -14.22 13.46
CA ARG B 112 -2.82 -13.91 14.62
C ARG B 112 -1.60 -14.79 14.59
N LEU B 113 -0.83 -14.79 15.68
CA LEU B 113 0.44 -15.50 15.75
C LEU B 113 0.36 -17.03 15.64
N PRO B 114 -0.67 -17.66 16.23
CA PRO B 114 -0.77 -19.09 15.98
C PRO B 114 -1.01 -19.44 14.50
N GLN B 115 -1.82 -18.65 13.80
CA GLN B 115 -1.99 -18.84 12.36
C GLN B 115 -0.68 -18.57 11.64
N LEU B 116 -0.03 -17.46 11.99
CA LEU B 116 1.16 -17.01 11.31
C LEU B 116 2.40 -17.93 11.44
N VAL B 117 2.61 -18.53 12.60
CA VAL B 117 3.73 -19.46 12.78
C VAL B 117 3.50 -20.76 12.01
N ASP B 118 2.25 -21.25 12.00
CA ASP B 118 1.87 -22.42 11.21
C ASP B 118 2.30 -22.33 9.75
N MET B 119 1.95 -21.20 9.11
CA MET B 119 2.33 -20.94 7.73
C MET B 119 3.84 -20.90 7.61
N ALA B 120 4.49 -20.31 8.61
CA ALA B 120 5.93 -20.24 8.63
C ALA B 120 6.49 -21.65 8.62
N ALA B 121 5.95 -22.53 9.48
CA ALA B 121 6.46 -23.90 9.59
C ALA B 121 6.32 -24.67 8.28
N GLN B 122 5.17 -24.49 7.61
CA GLN B 122 4.90 -25.08 6.30
C GLN B 122 5.93 -24.68 5.28
N ILE B 123 6.08 -23.37 5.08
CA ILE B 123 7.07 -22.86 4.15
C ILE B 123 8.40 -23.53 4.48
N ALA B 124 8.77 -23.49 5.76
CA ALA B 124 10.02 -24.10 6.24
C ALA B 124 10.17 -25.55 5.81
N SER B 125 9.05 -26.28 5.81
CA SER B 125 9.04 -27.70 5.47
C SER B 125 9.32 -27.96 4.00
N GLY B 126 8.68 -27.17 3.13
CA GLY B 126 8.95 -27.24 1.69
C GLY B 126 10.40 -26.92 1.42
N MET B 127 10.89 -25.89 2.10
CA MET B 127 12.27 -25.43 1.97
C MET B 127 13.27 -26.40 2.59
N ALA B 128 12.81 -27.18 3.57
CA ALA B 128 13.63 -28.23 4.16
C ALA B 128 13.89 -29.29 3.11
N TYR B 129 12.85 -29.64 2.35
CA TYR B 129 12.94 -30.57 1.23
C TYR B 129 13.91 -30.09 0.13
N VAL B 130 13.90 -28.77 -0.12
CA VAL B 130 14.83 -28.14 -1.06
C VAL B 130 16.27 -28.36 -0.59
N GLU B 131 16.49 -28.12 0.70
CA GLU B 131 17.76 -28.41 1.37
C GLU B 131 18.24 -29.82 1.08
N ARG B 132 17.34 -30.81 1.18
CA ARG B 132 17.72 -32.21 1.01
C ARG B 132 18.16 -32.49 -0.42
N MET B 133 17.53 -31.82 -1.38
CA MET B 133 17.81 -32.01 -2.80
C MET B 133 19.00 -31.20 -3.32
N ASN B 134 19.66 -30.46 -2.43
CA ASN B 134 20.81 -29.62 -2.79
C ASN B 134 20.47 -28.61 -3.89
N TYR B 135 19.18 -28.32 -4.02
CA TYR B 135 18.71 -27.26 -4.89
C TYR B 135 18.78 -25.93 -4.13
N VAL B 136 18.61 -24.81 -4.84
CA VAL B 136 18.65 -23.48 -4.24
C VAL B 136 17.53 -22.64 -4.85
N HIS B 137 16.78 -21.93 -4.01
CA HIS B 137 15.64 -21.14 -4.50
C HIS B 137 16.02 -19.81 -5.14
N ARG B 138 16.89 -19.06 -4.45
CA ARG B 138 17.43 -17.76 -4.90
C ARG B 138 16.50 -16.58 -4.67
N ASP B 139 15.20 -16.82 -4.53
CA ASP B 139 14.24 -15.74 -4.39
C ASP B 139 13.05 -16.08 -3.48
N LEU B 140 13.35 -16.34 -2.21
CA LEU B 140 12.34 -16.72 -1.24
C LEU B 140 11.72 -15.49 -0.62
N ARG B 141 10.40 -15.34 -0.80
CA ARG B 141 9.64 -14.26 -0.14
C ARG B 141 8.12 -14.41 -0.27
N ALA B 142 7.40 -13.64 0.55
CA ALA B 142 5.95 -13.74 0.68
C ALA B 142 5.22 -13.60 -0.66
N ALA B 143 5.88 -12.98 -1.62
CA ALA B 143 5.32 -12.81 -2.97
C ALA B 143 5.35 -14.10 -3.78
N ASN B 144 6.16 -15.05 -3.31
CA ASN B 144 6.36 -16.34 -3.99
C ASN B 144 5.78 -17.53 -3.26
N ILE B 145 4.95 -17.27 -2.28
CA ILE B 145 4.24 -18.34 -1.61
C ILE B 145 2.80 -18.31 -2.07
N LEU B 146 2.28 -19.48 -2.40
CA LEU B 146 0.90 -19.64 -2.79
C LEU B 146 0.11 -20.13 -1.58
N VAL B 147 -0.93 -19.38 -1.22
CA VAL B 147 -1.85 -19.80 -0.17
C VAL B 147 -3.12 -20.37 -0.81
N GLY B 148 -3.57 -21.50 -0.28
CA GLY B 148 -4.81 -22.12 -0.72
C GLY B 148 -5.81 -22.29 0.40
N GLU B 149 -6.63 -23.31 0.30
CA GLU B 149 -7.65 -23.57 1.31
C GLU B 149 -7.02 -24.02 2.62
N ASN B 150 -7.66 -23.67 3.74
CA ASN B 150 -7.24 -24.14 5.05
C ASN B 150 -5.84 -23.63 5.44
N LEU B 151 -5.51 -22.41 5.02
CA LEU B 151 -4.19 -21.83 5.25
C LEU B 151 -3.02 -22.74 4.79
N VAL B 152 -3.25 -23.55 3.77
CA VAL B 152 -2.17 -24.35 3.18
C VAL B 152 -1.26 -23.46 2.33
N CYS B 153 0.03 -23.46 2.67
CA CYS B 153 1.05 -22.70 1.93
C CYS B 153 1.99 -23.63 1.19
N LYS B 154 2.45 -23.22 0.01
CA LYS B 154 3.43 -23.99 -0.75
C LYS B 154 4.49 -23.06 -1.37
N VAL B 155 5.72 -23.55 -1.51
CA VAL B 155 6.80 -22.74 -2.10
C VAL B 155 6.67 -22.71 -3.62
N ALA B 156 6.79 -21.52 -4.22
CA ALA B 156 6.65 -21.32 -5.67
C ALA B 156 7.60 -20.28 -6.25
N ASP B 157 7.56 -20.08 -7.57
CA ASP B 157 8.29 -19.00 -8.23
C ASP B 157 7.50 -18.37 -9.39
N PHE B 158 7.52 -17.05 -9.48
CA PHE B 158 6.72 -16.31 -10.48
C PHE B 158 7.52 -15.80 -11.70
N GLY B 159 8.67 -15.16 -11.46
CA GLY B 159 9.46 -14.51 -12.53
C GLY B 159 10.60 -13.63 -12.04
N PHE B 177 15.82 -5.45 -8.79
CA PHE B 177 16.38 -6.56 -8.01
C PHE B 177 15.93 -6.53 -6.55
N PRO B 178 15.76 -7.73 -5.92
CA PRO B 178 15.14 -7.81 -4.59
C PRO B 178 16.19 -7.76 -3.49
N ILE B 179 16.98 -6.69 -3.45
CA ILE B 179 18.07 -6.53 -2.49
C ILE B 179 17.60 -6.67 -1.03
N LYS B 180 16.44 -6.11 -0.71
CA LYS B 180 15.88 -6.20 0.64
C LYS B 180 15.68 -7.63 1.14
N TRP B 181 15.59 -8.59 0.23
CA TRP B 181 15.34 -9.99 0.60
C TRP B 181 16.57 -10.88 0.57
N THR B 182 17.66 -10.35 0.00
CA THR B 182 18.83 -11.12 -0.42
C THR B 182 19.99 -10.97 0.53
N ALA B 183 20.52 -12.11 1.00
CA ALA B 183 21.69 -12.15 1.87
C ALA B 183 22.88 -11.43 1.24
N PRO B 184 23.64 -10.65 2.03
CA PRO B 184 24.66 -9.75 1.48
C PRO B 184 25.76 -10.42 0.64
N GLU B 185 26.19 -11.63 1.02
CA GLU B 185 27.19 -12.34 0.23
C GLU B 185 26.71 -12.67 -1.19
N ALA B 186 25.40 -12.89 -1.33
CA ALA B 186 24.79 -13.19 -2.62
C ALA B 186 24.54 -11.92 -3.43
N ALA B 187 24.17 -10.86 -2.75
CA ALA B 187 23.92 -9.58 -3.40
C ALA B 187 25.21 -8.91 -3.90
N LEU B 188 26.34 -9.22 -3.26
CA LEU B 188 27.60 -8.54 -3.59
C LEU B 188 28.55 -9.42 -4.39
N TYR B 189 28.75 -10.65 -3.94
CA TYR B 189 29.75 -11.51 -4.58
C TYR B 189 29.12 -12.68 -5.35
N GLY B 190 27.81 -12.86 -5.17
CA GLY B 190 27.07 -13.85 -5.93
C GLY B 190 27.10 -15.24 -5.33
N ARG B 191 27.53 -15.37 -4.07
CA ARG B 191 27.47 -16.64 -3.33
C ARG B 191 26.01 -16.96 -2.95
N PHE B 192 25.22 -17.43 -3.91
CA PHE B 192 23.86 -17.85 -3.61
C PHE B 192 23.92 -19.26 -3.06
N THR B 193 23.22 -19.52 -1.95
CA THR B 193 23.10 -20.86 -1.40
C THR B 193 21.83 -21.02 -0.58
N ILE B 194 21.51 -22.26 -0.22
CA ILE B 194 20.51 -22.56 0.78
C ILE B 194 20.67 -21.64 2.01
N LYS B 195 21.90 -21.22 2.27
CA LYS B 195 22.23 -20.39 3.42
C LYS B 195 21.87 -18.96 3.15
N SER B 196 22.00 -18.55 1.89
CA SER B 196 21.50 -17.26 1.46
C SER B 196 19.96 -17.30 1.40
N ASP B 197 19.41 -18.49 1.17
CA ASP B 197 17.97 -18.73 1.21
C ASP B 197 17.48 -18.58 2.63
N VAL B 198 18.22 -19.15 3.58
CA VAL B 198 17.89 -19.09 5.01
C VAL B 198 17.72 -17.65 5.48
N TRP B 199 18.60 -16.76 5.03
CA TRP B 199 18.48 -15.34 5.32
C TRP B 199 17.15 -14.77 4.83
N SER B 200 16.77 -15.12 3.60
CA SER B 200 15.49 -14.66 3.04
C SER B 200 14.33 -15.13 3.92
N PHE B 201 14.40 -16.37 4.39
CA PHE B 201 13.35 -16.90 5.25
C PHE B 201 13.19 -16.04 6.48
N GLY B 202 14.28 -15.45 6.94
CA GLY B 202 14.24 -14.51 8.07
C GLY B 202 13.48 -13.24 7.73
N ILE B 203 13.70 -12.73 6.52
CA ILE B 203 12.97 -11.59 6.04
C ILE B 203 11.51 -11.98 5.86
N LEU B 204 11.29 -13.13 5.23
CA LEU B 204 9.94 -13.69 5.10
C LEU B 204 9.22 -13.69 6.47
N LEU B 205 9.97 -13.89 7.54
CA LEU B 205 9.37 -13.91 8.87
C LEU B 205 8.93 -12.53 9.34
N THR B 206 9.60 -11.47 8.90
CA THR B 206 9.08 -10.14 9.21
C THR B 206 7.78 -9.87 8.45
N GLU B 207 7.75 -10.16 7.13
CA GLU B 207 6.54 -9.98 6.33
C GLU B 207 5.31 -10.57 7.04
N LEU B 208 5.48 -11.80 7.54
CA LEU B 208 4.40 -12.51 8.22
C LEU B 208 3.98 -11.78 9.49
N THR B 209 4.96 -11.28 10.23
CA THR B 209 4.67 -10.68 11.52
C THR B 209 4.27 -9.22 11.41
N THR B 210 4.12 -8.74 10.17
CA THR B 210 3.67 -7.36 9.94
C THR B 210 2.56 -7.30 8.91
N LYS B 211 1.98 -8.45 8.58
CA LYS B 211 0.88 -8.52 7.62
C LYS B 211 1.15 -7.74 6.33
N GLY B 212 2.31 -7.97 5.73
CA GLY B 212 2.58 -7.57 4.34
C GLY B 212 3.42 -6.34 4.03
N ARG B 213 3.98 -5.72 5.07
CA ARG B 213 4.70 -4.46 4.89
C ARG B 213 6.10 -4.64 4.32
N VAL B 214 6.61 -3.64 3.59
CA VAL B 214 7.95 -3.75 3.02
C VAL B 214 9.00 -3.67 4.13
N PRO B 215 9.98 -4.60 4.12
CA PRO B 215 11.10 -4.57 5.08
C PRO B 215 11.96 -3.33 4.96
N TYR B 216 12.60 -2.95 6.06
CA TYR B 216 13.38 -1.72 6.18
C TYR B 216 12.52 -0.52 5.73
N PRO B 217 11.41 -0.28 6.43
CA PRO B 217 10.56 0.82 5.99
C PRO B 217 11.29 2.17 6.05
N GLY B 218 11.08 2.98 5.02
CA GLY B 218 11.67 4.31 4.96
C GLY B 218 13.09 4.29 4.44
N MET B 219 13.53 3.14 3.94
CA MET B 219 14.90 3.00 3.44
C MET B 219 15.00 2.70 1.96
N VAL B 220 15.64 3.62 1.23
CA VAL B 220 15.93 3.40 -0.19
C VAL B 220 16.80 2.17 -0.35
N ASN B 221 16.89 1.67 -1.58
CA ASN B 221 17.47 0.36 -1.85
C ASN B 221 18.94 0.19 -1.43
N ARG B 222 19.72 1.27 -1.46
CA ARG B 222 21.13 1.12 -1.10
C ARG B 222 21.57 1.78 0.21
N GLU B 223 20.62 2.29 0.98
CA GLU B 223 20.88 2.53 2.40
C GLU B 223 20.99 1.16 3.03
N VAL B 224 20.21 0.23 2.48
CA VAL B 224 20.12 -1.14 2.96
C VAL B 224 21.48 -1.83 2.92
N LEU B 225 22.12 -1.79 1.77
CA LEU B 225 23.37 -2.51 1.56
C LEU B 225 24.44 -2.10 2.57
N ASP B 226 24.59 -0.79 2.78
CA ASP B 226 25.61 -0.25 3.69
C ASP B 226 25.35 -0.69 5.14
N GLN B 227 24.15 -0.40 5.62
CA GLN B 227 23.79 -0.60 7.02
C GLN B 227 23.77 -2.04 7.45
N VAL B 228 23.42 -2.96 6.55
CA VAL B 228 23.45 -4.38 6.91
C VAL B 228 24.89 -4.87 7.05
N GLU B 229 25.79 -4.33 6.22
CA GLU B 229 27.21 -4.67 6.31
C GLU B 229 27.88 -4.06 7.55
N ARG B 230 27.40 -2.90 7.96
CA ARG B 230 27.82 -2.25 9.21
C ARG B 230 27.25 -2.91 10.49
N GLY B 231 26.37 -3.91 10.32
CA GLY B 231 25.86 -4.69 11.45
C GLY B 231 24.40 -4.54 11.81
N TYR B 232 23.70 -3.62 11.12
CA TYR B 232 22.27 -3.32 11.39
C TYR B 232 21.35 -4.51 11.15
N ARG B 233 20.30 -4.61 11.98
CA ARG B 233 19.25 -5.62 11.82
C ARG B 233 17.89 -5.00 12.19
N MET B 234 16.81 -5.53 11.65
CA MET B 234 15.47 -5.01 11.97
C MET B 234 15.11 -5.26 13.44
N PRO B 235 14.48 -4.27 14.09
CA PRO B 235 14.09 -4.45 15.49
C PRO B 235 12.89 -5.36 15.59
N CYS B 236 12.71 -5.98 16.75
CA CYS B 236 11.53 -6.79 17.03
C CYS B 236 10.23 -6.04 16.72
N PRO B 237 9.41 -6.55 15.78
CA PRO B 237 8.13 -5.90 15.42
C PRO B 237 7.16 -5.83 16.60
N PRO B 238 6.31 -4.79 16.65
CA PRO B 238 5.29 -4.63 17.70
C PRO B 238 4.47 -5.90 17.99
N GLU B 239 4.30 -6.21 19.27
CA GLU B 239 3.57 -7.40 19.73
C GLU B 239 4.15 -8.73 19.26
N CYS B 240 5.40 -8.74 18.80
CA CYS B 240 6.03 -10.00 18.42
C CYS B 240 6.88 -10.52 19.57
N PRO B 241 6.74 -11.81 19.93
CA PRO B 241 7.55 -12.39 21.00
C PRO B 241 9.04 -12.29 20.73
N GLU B 242 9.81 -11.92 21.74
CA GLU B 242 11.26 -11.73 21.58
C GLU B 242 12.00 -12.96 21.05
N SER B 243 11.44 -14.14 21.32
CA SER B 243 12.01 -15.40 20.81
C SER B 243 11.97 -15.48 19.28
N LEU B 244 10.89 -14.97 18.69
CA LEU B 244 10.73 -14.97 17.25
C LEU B 244 11.73 -14.00 16.58
N HIS B 245 12.00 -12.86 17.21
CA HIS B 245 13.01 -11.93 16.71
C HIS B 245 14.41 -12.54 16.82
N ASP B 246 14.66 -13.20 17.93
CA ASP B 246 15.91 -13.90 18.14
C ASP B 246 16.15 -14.91 17.01
N LEU B 247 15.10 -15.63 16.63
CA LEU B 247 15.15 -16.60 15.54
C LEU B 247 15.35 -15.91 14.19
N MET B 248 14.76 -14.72 14.03
CA MET B 248 15.03 -13.92 12.85
C MET B 248 16.51 -13.57 12.79
N CYS B 249 17.10 -13.34 13.96
CA CYS B 249 18.50 -12.92 14.00
C CYS B 249 19.49 -13.99 13.61
N GLN B 250 19.24 -15.23 14.04
CA GLN B 250 20.03 -16.37 13.58
C GLN B 250 20.00 -16.47 12.05
N CYS B 251 18.82 -16.38 11.45
CA CYS B 251 18.71 -16.30 10.00
C CYS B 251 19.65 -15.25 9.41
N TRP B 252 19.90 -14.18 10.18
CA TRP B 252 20.66 -13.03 9.67
C TRP B 252 22.12 -12.94 10.15
N ARG B 253 22.60 -14.01 10.78
CA ARG B 253 24.01 -14.11 11.11
C ARG B 253 24.84 -13.81 9.88
N LYS B 254 25.85 -12.94 10.04
CA LYS B 254 26.76 -12.54 8.95
C LYS B 254 27.53 -13.68 8.30
N ASP B 255 27.95 -14.61 9.13
CA ASP B 255 28.72 -15.76 8.69
C ASP B 255 27.79 -16.86 8.15
N PRO B 256 27.82 -17.10 6.82
CA PRO B 256 26.78 -17.92 6.18
C PRO B 256 26.54 -19.27 6.84
N GLU B 257 27.61 -19.91 7.29
CA GLU B 257 27.51 -21.27 7.85
C GLU B 257 27.10 -21.27 9.32
N GLU B 258 26.82 -20.09 9.86
CA GLU B 258 26.34 -19.95 11.24
C GLU B 258 24.82 -19.94 11.34
N ARG B 259 24.17 -19.51 10.26
CA ARG B 259 22.72 -19.59 10.15
C ARG B 259 22.29 -21.05 10.25
N PRO B 260 21.11 -21.30 10.86
CA PRO B 260 20.62 -22.66 11.04
C PRO B 260 20.04 -23.27 9.77
N THR B 261 19.79 -24.58 9.79
CA THR B 261 19.20 -25.27 8.64
C THR B 261 17.68 -25.27 8.72
N PHE B 262 17.05 -25.40 7.56
CA PHE B 262 15.60 -25.41 7.47
C PHE B 262 14.99 -26.51 8.30
N GLU B 263 15.72 -27.62 8.42
CA GLU B 263 15.31 -28.70 9.30
C GLU B 263 15.12 -28.24 10.74
N TYR B 264 16.10 -27.52 11.27
CA TYR B 264 16.04 -26.95 12.61
C TYR B 264 14.88 -25.96 12.70
N LEU B 265 14.84 -25.02 11.76
CA LEU B 265 13.81 -23.97 11.71
C LEU B 265 12.41 -24.57 11.77
N GLN B 266 12.15 -25.51 10.85
CA GLN B 266 10.87 -26.23 10.80
C GLN B 266 10.54 -26.81 12.16
N ALA B 267 11.48 -27.60 12.69
CA ALA B 267 11.31 -28.22 14.02
C ALA B 267 11.01 -27.17 15.08
N PHE B 268 11.82 -26.11 15.10
CA PHE B 268 11.64 -25.01 16.04
C PHE B 268 10.22 -24.49 15.98
N LEU B 269 9.76 -24.21 14.76
CA LEU B 269 8.48 -23.54 14.53
C LEU B 269 7.27 -24.40 14.84
N GLU B 270 7.37 -25.69 14.54
CA GLU B 270 6.34 -26.66 14.85
C GLU B 270 6.13 -26.80 16.37
N ASP B 271 7.22 -26.83 17.12
CA ASP B 271 7.15 -26.96 18.56
C ASP B 271 6.94 -25.64 19.31
N TYR B 272 6.79 -24.53 18.56
CA TYR B 272 6.87 -23.18 19.15
C TYR B 272 6.01 -22.95 20.38
N PHE B 273 4.70 -23.13 20.25
CA PHE B 273 3.78 -22.73 21.32
C PHE B 273 3.77 -23.64 22.55
N THR B 274 4.65 -24.65 22.55
CA THR B 274 4.82 -25.56 23.68
C THR B 274 6.22 -25.45 24.29
N SER B 275 7.25 -25.63 23.47
CA SER B 275 8.63 -25.62 23.93
C SER B 275 9.18 -24.22 24.20
N THR B 276 8.74 -23.22 23.43
CA THR B 276 9.35 -21.88 23.42
C THR B 276 8.48 -20.76 24.03
N GLU B 277 7.21 -20.69 23.63
CA GLU B 277 6.31 -19.68 24.19
C GLU B 277 4.99 -20.31 24.65
N PRO B 278 5.06 -21.07 25.76
CA PRO B 278 3.86 -21.67 26.35
C PRO B 278 2.95 -20.64 27.04
N GLN B 279 3.52 -19.48 27.35
CA GLN B 279 2.84 -18.42 28.11
C GLN B 279 2.15 -17.38 27.22
N TYR B 280 2.09 -17.66 25.93
CA TYR B 280 1.59 -16.70 24.94
C TYR B 280 0.12 -16.33 25.15
N GLN B 281 -0.15 -15.03 25.05
CA GLN B 281 -1.49 -14.45 25.17
C GLN B 281 -1.82 -13.64 23.93
N PRO B 282 -2.98 -13.90 23.29
CA PRO B 282 -3.32 -13.13 22.10
C PRO B 282 -3.37 -11.63 22.37
N GLY B 283 -2.95 -10.84 21.38
CA GLY B 283 -3.00 -9.37 21.45
C GLY B 283 -4.04 -8.80 20.50
N GLU B 284 -3.95 -7.50 20.25
CA GLU B 284 -4.89 -6.82 19.35
C GLU B 284 -4.56 -7.11 17.88
N ASN B 285 -3.30 -7.40 17.60
CA ASN B 285 -2.82 -7.67 16.25
C ASN B 285 -2.15 -9.02 16.08
N LEU B 286 -1.43 -9.43 17.10
CA LEU B 286 -0.74 -10.73 17.11
C LEU B 286 -1.16 -11.58 18.32
N1 AQB C . -2.34 28.77 4.31
C2 AQB C . -1.07 28.60 3.92
N3 AQB C . -0.66 28.92 2.70
C4 AQB C . -1.53 29.42 1.80
C5 AQB C . -2.87 29.61 2.17
C6 AQB C . -3.26 29.25 3.46
CAA AQB C . -6.33 30.37 -7.64
CAB AQB C . -7.92 29.51 -6.04
CAC AQB C . -8.95 20.18 11.47
CAD AQB C . -9.32 19.63 9.09
CAE AQB C . -7.09 20.48 9.89
NAF AQB C . -13.09 27.15 8.12
OAG AQB C . -2.91 31.20 -2.76
OAH AQB C . -7.02 24.66 7.32
CAI AQB C . -13.32 25.06 11.10
CAJ AQB C . -13.62 26.04 10.16
CAK AQB C . -12.18 24.27 10.95
CAL AQB C . -7.49 28.17 5.47
CAM AQB C . -5.59 27.32 6.65
CAN AQB C . -6.65 28.84 4.60
CAO AQB C . -4.73 27.99 5.78
CAP AQB C . -2.01 30.27 -0.40
CAR AQB C . -1.10 29.75 0.51
CAS AQB C . -11.67 25.41 8.88
CAT AQB C . -8.34 22.92 9.09
CAU AQB C . -3.78 30.14 1.24
CAV AQB C . -5.69 30.59 -3.95
CAW AQB C . -5.23 31.72 -3.01
CAX AQB C . -6.17 31.10 -5.33
NBA AQB C . -10.23 22.51 10.07
NBB AQB C . -4.26 30.96 -0.92
NBC AQB C . -7.85 26.76 7.32
NBD AQB C . -8.88 25.17 8.49
NBE AQB C . -4.53 29.45 3.85
CBF AQB C . -4.01 31.27 -2.21
CBG AQB C . -7.87 25.48 7.69
CBH AQB C . -12.81 26.22 9.04
CBI AQB C . -6.98 27.39 6.50
CBJ AQB C . -5.26 28.76 4.73
CBK AQB C . -3.35 30.48 -0.05
CBL AQB C . -11.35 24.45 9.84
CBM AQB C . -9.05 22.01 9.74
CBN AQB C . -9.14 23.98 9.04
NBR AQB C . -6.53 29.98 -6.22
NBS AQB C . -10.28 23.67 9.67
CBT AQB C . -8.60 20.57 10.04
N1 AQB D . -0.81 -20.70 -9.40
C2 AQB D . -1.79 -21.31 -8.76
N3 AQB D . -2.81 -20.63 -8.27
C4 AQB D . -2.86 -19.28 -8.42
C5 AQB D . -1.84 -18.59 -9.09
C6 AQB D . -0.77 -19.36 -9.59
CAA AQB D . -1.62 -8.57 -7.07
CAB AQB D . -0.06 -10.35 -7.55
CAC AQB D . 9.58 -25.92 -7.59
CAD AQB D . 11.60 -24.42 -7.68
CAE AQB D . 9.62 -23.79 -6.31
NAF AQB D . 9.67 -19.10 -13.69
OAG AQB D . -1.73 -14.45 -10.21
OAH AQB D . 5.91 -21.69 -9.19
CAI AQB D . 11.58 -22.21 -13.60
CAJ AQB D . 11.11 -20.96 -14.02
CAK AQB D . 11.04 -22.80 -12.46
CAL AQB D . 3.83 -19.35 -11.09
CAM AQB D . 2.85 -21.50 -10.71
CAN AQB D . 2.60 -18.73 -10.84
CAO AQB D . 1.62 -20.88 -10.46
CAP AQB D . -4.06 -17.23 -8.00
CAR AQB D . -3.96 -18.61 -7.88
CAS AQB D . 9.58 -20.89 -12.16
CAT AQB D . 8.23 -23.42 -9.10
CAU AQB D . -1.95 -17.18 -9.21
CAV AQB D . -1.95 -11.81 -9.04
CAW AQB D . -3.12 -12.80 -9.15
CAX AQB D . -2.37 -10.44 -8.43
NBA AQB D . 10.28 -23.25 -9.83
NBB AQB D . -3.28 -15.17 -8.70
NBC AQB D . 5.18 -21.31 -11.28
NBD AQB D . 7.20 -22.28 -10.93
NBE AQB D . 0.28 -18.84 -10.27
CBF AQB D . -2.63 -14.23 -9.41
CBG AQB D . 6.09 -21.75 -10.40
CBH AQB D . 10.11 -20.30 -13.30
CBI AQB D . 3.98 -20.74 -11.02
CBJ AQB D . 1.46 -19.48 -10.51
CBK AQB D . -3.07 -16.50 -8.67
CBL AQB D . 10.04 -22.15 -11.75
CBM AQB D . 9.52 -23.71 -8.85
CBN AQB D . 8.27 -22.77 -10.26
NBR AQB D . -1.48 -10.02 -7.33
NBS AQB D . 9.55 -22.71 -10.65
CBT AQB D . 10.07 -24.46 -7.60
#